data_2V7F
#
_entry.id   2V7F
#
_cell.length_a   32.700
_cell.length_b   57.430
_cell.length_c   80.200
_cell.angle_alpha   90.00
_cell.angle_beta   90.00
_cell.angle_gamma   90.00
#
_symmetry.space_group_name_H-M   'P 21 21 21'
#
loop_
_entity.id
_entity.type
_entity.pdbx_description
1 polymer 'RPS19E SSU RIBOSOMAL PROTEIN S19E'
2 non-polymer 'CHLORIDE ION'
3 water water
#
_entity_poly.entity_id   1
_entity_poly.type   'polypeptide(L)'
_entity_poly.pdbx_seq_one_letter_code
;MATVYDVPGDLLVERVAQRLKEIPEIKPPEWAPFVKTGRHKERLPEQEDWWYYRVASILRRVYLDGPVGIERLRTYYGGR
KNRGHAPERFYKAGGSIIRKALQQLEAAGFVEKVPGKGRVITPKGRSFLDKIATELKKELEEIIPELKKY
;
_entity_poly.pdbx_strand_id   A
#
# COMPACT_ATOMS: atom_id res chain seq x y z
N ALA A 2 17.02 0.00 -6.91
CA ALA A 2 15.84 0.36 -7.71
C ALA A 2 14.91 1.13 -6.81
N THR A 3 13.96 1.85 -7.40
CA THR A 3 12.93 2.49 -6.65
C THR A 3 11.59 1.93 -7.06
N VAL A 4 10.53 2.38 -6.42
CA VAL A 4 9.14 2.06 -6.80
C VAL A 4 8.88 2.30 -8.28
N TYR A 5 9.52 3.29 -8.87
CA TYR A 5 9.29 3.64 -10.26
C TYR A 5 9.83 2.60 -11.23
N ASP A 6 10.70 1.72 -10.76
CA ASP A 6 11.46 0.81 -11.59
C ASP A 6 10.93 -0.62 -11.62
N VAL A 7 9.79 -0.85 -10.99
CA VAL A 7 9.19 -2.18 -10.93
C VAL A 7 7.69 -2.05 -11.13
N PRO A 8 7.05 -3.15 -11.59
CA PRO A 8 5.62 -3.14 -11.76
C PRO A 8 4.88 -3.04 -10.46
N GLY A 9 3.80 -2.26 -10.48
CA GLY A 9 3.02 -2.04 -9.27
C GLY A 9 2.40 -3.27 -8.66
N ASP A 10 1.82 -4.16 -9.47
CA ASP A 10 1.18 -5.32 -8.94
C ASP A 10 2.13 -6.22 -8.20
N LEU A 11 3.27 -6.54 -8.80
CA LEU A 11 4.23 -7.42 -8.14
C LEU A 11 4.85 -6.73 -6.95
N LEU A 12 5.08 -5.41 -7.03
CA LEU A 12 5.62 -4.72 -5.85
C LEU A 12 4.64 -4.82 -4.69
N VAL A 13 3.37 -4.53 -4.93
CA VAL A 13 2.37 -4.58 -3.88
C VAL A 13 2.31 -5.99 -3.28
N GLU A 14 2.40 -7.01 -4.10
CA GLU A 14 2.46 -8.40 -3.59
C GLU A 14 3.62 -8.58 -2.61
N ARG A 15 4.79 -8.15 -3.01
CA ARG A 15 5.97 -8.35 -2.17
C ARG A 15 5.94 -7.51 -0.94
N VAL A 16 5.47 -6.28 -1.03
CA VAL A 16 5.31 -5.43 0.14
C VAL A 16 4.30 -6.02 1.10
N ALA A 17 3.19 -6.53 0.59
CA ALA A 17 2.17 -7.17 1.42
C ALA A 17 2.79 -8.25 2.27
N GLN A 18 3.64 -9.09 1.68
CA GLN A 18 4.28 -10.18 2.44
C GLN A 18 5.14 -9.63 3.55
N ARG A 19 5.89 -8.58 3.29
CA ARG A 19 6.74 -8.00 4.32
C ARG A 19 5.93 -7.33 5.40
N LEU A 20 4.80 -6.73 5.07
CA LEU A 20 3.93 -6.10 6.07
C LEU A 20 3.38 -7.08 7.06
N LYS A 21 3.31 -8.38 6.70
CA LYS A 21 2.85 -9.35 7.63
C LYS A 21 3.71 -9.40 8.90
N GLU A 22 4.98 -9.07 8.79
CA GLU A 22 5.89 -9.07 9.92
C GLU A 22 5.91 -7.79 10.69
N ILE A 23 5.16 -6.80 10.26
CA ILE A 23 5.14 -5.50 10.98
C ILE A 23 3.99 -5.51 11.97
N PRO A 24 4.29 -5.43 13.27
CA PRO A 24 3.24 -5.70 14.25
C PRO A 24 2.01 -4.81 14.16
N GLU A 25 2.21 -3.54 13.76
CA GLU A 25 1.12 -2.59 13.72
C GLU A 25 0.16 -2.86 12.58
N ILE A 26 0.55 -3.63 11.61
CA ILE A 26 -0.32 -3.88 10.46
C ILE A 26 -1.20 -5.09 10.81
N LYS A 27 -2.38 -4.84 11.31
CA LYS A 27 -3.27 -5.84 11.90
C LYS A 27 -4.55 -5.87 11.07
N PRO A 28 -4.83 -6.94 10.36
CA PRO A 28 -6.08 -6.98 9.60
C PRO A 28 -7.29 -6.75 10.49
N PRO A 29 -8.20 -5.90 10.02
CA PRO A 29 -9.38 -5.58 10.81
C PRO A 29 -10.46 -6.58 10.77
N GLU A 30 -10.31 -7.61 9.95
CA GLU A 30 -11.31 -8.65 9.78
C GLU A 30 -12.58 -8.05 9.18
N TRP A 31 -12.38 -7.41 8.04
CA TRP A 31 -13.46 -6.86 7.23
C TRP A 31 -13.69 -7.69 5.98
N ALA A 32 -12.62 -7.93 5.22
CA ALA A 32 -12.72 -8.70 3.97
C ALA A 32 -13.29 -10.11 4.10
N PRO A 33 -12.99 -10.82 5.18
CA PRO A 33 -13.53 -12.18 5.27
C PRO A 33 -15.05 -12.25 5.27
N PHE A 34 -15.71 -11.16 5.64
CA PHE A 34 -17.18 -11.09 5.66
C PHE A 34 -17.78 -10.83 4.30
N VAL A 35 -16.96 -10.64 3.28
CA VAL A 35 -17.44 -10.40 1.90
C VAL A 35 -17.31 -11.63 1.02
N LYS A 36 -18.41 -11.97 0.33
CA LYS A 36 -18.47 -13.11 -0.62
C LYS A 36 -18.32 -12.64 -2.08
N THR A 37 -18.79 -11.43 -2.38
CA THR A 37 -18.75 -10.91 -3.76
C THR A 37 -17.38 -10.68 -4.34
N LEU A 44 -6.83 -17.22 -3.61
CA LEU A 44 -5.67 -16.46 -4.06
C LEU A 44 -5.20 -15.56 -2.94
N PRO A 45 -3.87 -15.46 -2.76
CA PRO A 45 -3.27 -14.59 -1.73
C PRO A 45 -3.81 -13.16 -1.71
N GLU A 46 -4.07 -12.55 -2.85
CA GLU A 46 -4.47 -11.17 -2.81
C GLU A 46 -5.84 -11.03 -2.16
N GLN A 47 -6.62 -12.11 -2.13
CA GLN A 47 -7.90 -12.14 -1.42
C GLN A 47 -7.77 -12.62 0.04
N GLU A 48 -7.02 -13.68 0.25
CA GLU A 48 -6.79 -14.18 1.59
C GLU A 48 -6.09 -13.17 2.50
N ASP A 49 -5.16 -12.46 1.90
CA ASP A 49 -4.34 -11.46 2.58
C ASP A 49 -4.75 -10.04 2.22
N TRP A 50 -6.04 -9.85 1.96
CA TRP A 50 -6.56 -8.61 1.43
C TRP A 50 -6.02 -7.37 2.17
N TRP A 51 -6.03 -7.37 3.48
CA TRP A 51 -5.64 -6.18 4.21
C TRP A 51 -4.20 -5.83 3.91
N TYR A 52 -3.32 -6.83 3.92
CA TYR A 52 -1.91 -6.54 3.65
C TYR A 52 -1.73 -5.94 2.25
N TYR A 53 -2.45 -6.46 1.26
CA TYR A 53 -2.39 -5.90 -0.08
C TYR A 53 -2.95 -4.48 -0.10
N ARG A 54 -4.02 -4.24 0.64
CA ARG A 54 -4.64 -2.93 0.71
C ARG A 54 -3.67 -1.90 1.30
N VAL A 55 -3.06 -2.26 2.42
CA VAL A 55 -2.11 -1.36 3.06
C VAL A 55 -0.90 -1.15 2.18
N ALA A 56 -0.39 -2.22 1.56
CA ALA A 56 0.72 -2.08 0.65
C ALA A 56 0.40 -1.14 -0.47
N SER A 57 -0.77 -1.28 -1.07
CA SER A 57 -1.18 -0.42 -2.17
C SER A 57 -1.24 1.04 -1.73
N ILE A 58 -1.83 1.30 -0.58
CA ILE A 58 -1.97 2.63 -0.05
C ILE A 58 -0.61 3.22 0.27
N LEU A 59 0.29 2.45 0.86
CA LEU A 59 1.63 2.95 1.13
C LEU A 59 2.31 3.36 -0.16
N ARG A 60 2.24 2.51 -1.21
CA ARG A 60 2.81 2.86 -2.50
C ARG A 60 2.16 4.15 -3.06
N ARG A 61 0.86 4.28 -2.92
CA ARG A 61 0.16 5.44 -3.43
C ARG A 61 0.61 6.71 -2.70
N VAL A 62 0.83 6.64 -1.40
CA VAL A 62 1.36 7.80 -0.69
C VAL A 62 2.76 8.14 -1.17
N TYR A 63 3.61 7.14 -1.37
CA TYR A 63 4.93 7.37 -1.96
C TYR A 63 4.82 8.11 -3.31
N LEU A 64 3.91 7.65 -4.17
CA LEU A 64 3.78 8.23 -5.51
C LEU A 64 3.11 9.61 -5.54
N ASP A 65 2.11 9.78 -4.70
CA ASP A 65 1.21 10.94 -4.79
C ASP A 65 1.36 11.96 -3.65
N GLY A 66 2.06 11.59 -2.59
CA GLY A 66 2.09 12.44 -1.42
C GLY A 66 2.74 13.79 -1.73
N PRO A 67 2.30 14.87 -1.08
CA PRO A 67 1.32 14.81 -0.01
C PRO A 67 -0.09 14.60 -0.51
N VAL A 68 -0.83 13.78 0.20
CA VAL A 68 -2.14 13.39 -0.23
C VAL A 68 -3.05 13.20 0.96
N GLY A 69 -4.28 13.69 0.85
CA GLY A 69 -5.25 13.59 1.95
C GLY A 69 -6.13 12.35 1.97
N ILE A 70 -6.81 12.10 3.07
CA ILE A 70 -7.70 10.96 3.23
C ILE A 70 -8.76 10.93 2.15
N GLU A 71 -9.47 12.04 1.96
CA GLU A 71 -10.58 12.02 1.03
C GLU A 71 -10.10 11.84 -0.40
N ARG A 72 -8.97 12.43 -0.77
CA ARG A 72 -8.39 12.19 -2.09
C ARG A 72 -8.04 10.72 -2.32
N LEU A 73 -7.46 10.07 -1.30
CA LEU A 73 -7.21 8.63 -1.43
C LEU A 73 -8.52 7.88 -1.56
N ARG A 74 -9.53 8.26 -0.76
CA ARG A 74 -10.80 7.55 -0.81
C ARG A 74 -11.42 7.64 -2.18
N THR A 75 -11.44 8.84 -2.76
CA THR A 75 -12.03 8.97 -4.07
C THR A 75 -11.18 8.32 -5.16
N TYR A 76 -9.87 8.28 -4.98
CA TYR A 76 -8.98 7.59 -5.92
C TYR A 76 -9.35 6.10 -6.01
N TYR A 77 -9.55 5.48 -4.85
CA TYR A 77 -9.78 4.05 -4.80
C TYR A 77 -11.22 3.67 -5.07
N GLY A 78 -12.13 4.59 -4.85
CA GLY A 78 -13.53 4.23 -4.84
C GLY A 78 -14.08 3.85 -6.17
N GLY A 79 -15.08 2.96 -6.12
CA GLY A 79 -15.80 2.62 -7.32
C GLY A 79 -16.93 3.57 -7.57
N GLY A 84 -17.65 11.40 -5.45
CA GLY A 84 -17.87 12.74 -5.00
C GLY A 84 -16.99 13.01 -3.81
N HIS A 85 -16.24 14.07 -3.91
CA HIS A 85 -15.43 14.53 -2.84
C HIS A 85 -16.30 15.16 -1.75
N ALA A 86 -16.21 14.62 -0.55
CA ALA A 86 -17.08 15.01 0.54
C ALA A 86 -16.37 14.65 1.85
N PRO A 87 -15.33 15.43 2.20
CA PRO A 87 -14.46 15.03 3.28
C PRO A 87 -15.12 15.00 4.65
N GLU A 88 -16.19 15.73 4.84
CA GLU A 88 -16.90 15.76 6.12
C GLU A 88 -17.92 14.65 6.31
N ARG A 89 -18.15 14.04 5.23
CA ARG A 89 -19.30 13.15 5.25
C ARG A 89 -19.00 11.86 6.00
N PHE A 90 -19.99 11.28 6.68
CA PHE A 90 -19.74 10.15 7.57
C PHE A 90 -19.23 8.94 6.80
N TYR A 91 -17.96 8.62 6.98
CA TYR A 91 -17.30 7.62 6.17
C TYR A 91 -18.01 6.26 6.28
N LYS A 92 -18.42 5.72 5.14
CA LYS A 92 -18.66 4.28 5.02
C LYS A 92 -17.37 3.55 4.67
N ALA A 93 -17.51 2.34 4.13
CA ALA A 93 -16.47 1.32 4.24
C ALA A 93 -15.14 1.84 3.68
N GLY A 94 -15.22 2.55 2.57
CA GLY A 94 -14.02 2.97 1.84
C GLY A 94 -13.20 3.96 2.62
N GLY A 95 -13.86 4.95 3.21
CA GLY A 95 -13.16 5.90 4.07
C GLY A 95 -12.55 5.23 5.29
N SER A 96 -13.26 4.31 5.90
CA SER A 96 -12.73 3.59 7.05
C SER A 96 -11.46 2.81 6.69
N ILE A 97 -11.42 2.23 5.50
CA ILE A 97 -10.26 1.53 5.03
C ILE A 97 -9.07 2.49 4.94
N ILE A 98 -9.26 3.62 4.27
CA ILE A 98 -8.14 4.58 4.17
C ILE A 98 -7.68 5.02 5.54
N ARG A 99 -8.63 5.39 6.37
CA ARG A 99 -8.26 5.91 7.70
C ARG A 99 -7.46 4.88 8.51
N LYS A 100 -7.94 3.64 8.52
CA LYS A 100 -7.27 2.64 9.32
C LYS A 100 -5.91 2.30 8.74
N ALA A 101 -5.80 2.20 7.42
CA ALA A 101 -4.51 1.95 6.79
C ALA A 101 -3.51 3.03 7.15
N LEU A 102 -3.93 4.28 7.06
CA LEU A 102 -3.03 5.39 7.38
C LEU A 102 -2.67 5.41 8.85
N GLN A 103 -3.59 5.08 9.75
CA GLN A 103 -3.28 5.02 11.15
C GLN A 103 -2.21 3.94 11.40
N GLN A 104 -2.36 2.77 10.82
CA GLN A 104 -1.42 1.68 11.02
C GLN A 104 -0.08 2.03 10.41
N LEU A 105 -0.05 2.62 9.22
CA LEU A 105 1.19 3.03 8.58
C LEU A 105 1.91 4.10 9.36
N GLU A 106 1.19 5.01 9.96
CA GLU A 106 1.79 6.05 10.80
C GLU A 106 2.37 5.40 12.07
N ALA A 107 1.64 4.47 12.67
CA ALA A 107 2.14 3.76 13.84
C ALA A 107 3.40 2.99 13.53
N ALA A 108 3.52 2.46 12.32
CA ALA A 108 4.70 1.73 11.87
C ALA A 108 5.84 2.66 11.46
N GLY A 109 5.60 3.96 11.48
CA GLY A 109 6.61 4.92 11.12
C GLY A 109 6.83 5.16 9.67
N PHE A 110 5.92 4.71 8.82
CA PHE A 110 6.08 4.76 7.37
C PHE A 110 5.47 5.99 6.70
N VAL A 111 4.50 6.60 7.33
CA VAL A 111 3.84 7.81 6.82
C VAL A 111 3.73 8.80 7.96
N GLU A 112 3.62 10.08 7.60
CA GLU A 112 3.29 11.12 8.57
C GLU A 112 2.32 12.14 7.97
N LYS A 113 1.65 12.88 8.84
CA LYS A 113 0.80 13.99 8.41
C LYS A 113 1.61 15.29 8.35
N VAL A 114 1.46 16.01 7.24
CA VAL A 114 2.03 17.34 7.13
C VAL A 114 0.89 18.31 7.09
N PRO A 115 0.86 19.19 8.09
CA PRO A 115 -0.22 20.22 8.18
C PRO A 115 -0.46 21.01 6.90
N GLY A 116 -1.71 20.99 6.43
CA GLY A 116 -2.08 21.72 5.21
C GLY A 116 -1.64 21.13 3.90
N LYS A 117 -0.99 19.98 3.93
CA LYS A 117 -0.39 19.33 2.76
C LYS A 117 -1.07 17.96 2.55
N GLY A 118 -1.03 17.09 3.57
CA GLY A 118 -1.52 15.75 3.43
C GLY A 118 -0.54 14.76 4.06
N ARG A 119 -0.77 13.48 3.80
CA ARG A 119 0.16 12.44 4.22
C ARG A 119 1.27 12.31 3.26
N VAL A 120 2.46 12.08 3.82
CA VAL A 120 3.65 11.84 3.05
C VAL A 120 4.37 10.60 3.57
N ILE A 121 5.14 10.00 2.69
CA ILE A 121 5.98 8.89 3.07
C ILE A 121 7.20 9.41 3.87
N THR A 122 7.57 8.70 4.94
CA THR A 122 8.74 9.06 5.72
C THR A 122 9.99 8.45 5.09
N PRO A 123 11.19 8.87 5.50
CA PRO A 123 12.38 8.18 5.06
C PRO A 123 12.36 6.71 5.36
N LYS A 124 11.81 6.27 6.46
CA LYS A 124 11.70 4.85 6.72
C LYS A 124 10.81 4.15 5.84
N GLY A 125 9.68 4.77 5.57
CA GLY A 125 8.76 4.16 4.60
C GLY A 125 9.32 4.08 3.19
N ARG A 126 10.02 5.13 2.78
CA ARG A 126 10.62 5.17 1.47
C ARG A 126 11.67 4.11 1.31
N SER A 127 12.53 3.95 2.31
CA SER A 127 13.55 2.94 2.24
C SER A 127 12.95 1.54 2.26
N PHE A 128 11.90 1.35 3.05
CA PHE A 128 11.20 0.06 3.09
C PHE A 128 10.72 -0.31 1.70
N LEU A 129 10.01 0.60 1.03
CA LEU A 129 9.58 0.30 -0.34
C LEU A 129 10.70 0.11 -1.31
N ASP A 130 11.71 0.96 -1.25
CA ASP A 130 12.78 0.88 -2.23
C ASP A 130 13.63 -0.37 -2.05
N LYS A 131 13.80 -0.84 -0.82
CA LYS A 131 14.52 -2.12 -0.58
C LYS A 131 13.77 -3.29 -1.24
N ILE A 132 12.47 -3.31 -1.07
CA ILE A 132 11.65 -4.37 -1.64
C ILE A 132 11.65 -4.26 -3.15
N ALA A 133 11.56 -3.04 -3.68
CA ALA A 133 11.66 -2.85 -5.11
C ALA A 133 12.99 -3.34 -5.66
N THR A 134 14.06 -3.08 -4.95
CA THR A 134 15.38 -3.55 -5.38
C THR A 134 15.43 -5.06 -5.44
N GLU A 135 14.88 -5.76 -4.44
CA GLU A 135 14.84 -7.20 -4.49
C GLU A 135 14.02 -7.70 -5.68
N LEU A 136 12.86 -7.10 -5.87
CA LEU A 136 12.00 -7.51 -6.98
C LEU A 136 12.66 -7.28 -8.33
N LYS A 137 13.33 -6.16 -8.50
CA LYS A 137 13.99 -5.84 -9.76
C LYS A 137 15.03 -6.92 -10.06
N LYS A 138 15.81 -7.28 -9.05
CA LYS A 138 16.82 -8.31 -9.22
C LYS A 138 16.20 -9.62 -9.62
N GLU A 139 15.10 -9.97 -9.00
CA GLU A 139 14.42 -11.21 -9.38
C GLU A 139 13.96 -11.19 -10.81
N LEU A 140 13.28 -10.11 -11.23
CA LEU A 140 12.81 -10.05 -12.60
C LEU A 140 13.96 -10.17 -13.59
N GLU A 141 15.07 -9.47 -13.31
CA GLU A 141 16.26 -9.48 -14.17
C GLU A 141 16.87 -10.86 -14.29
N GLU A 142 16.78 -11.64 -13.23
CA GLU A 142 17.32 -13.00 -13.25
C GLU A 142 16.37 -13.96 -13.92
N ILE A 143 15.11 -13.92 -13.55
CA ILE A 143 14.16 -14.97 -13.94
C ILE A 143 13.74 -14.81 -15.39
N ILE A 144 13.27 -13.64 -15.77
CA ILE A 144 12.61 -13.52 -17.06
C ILE A 144 13.52 -13.87 -18.22
N PRO A 145 14.75 -13.34 -18.29
CA PRO A 145 15.61 -13.65 -19.44
C PRO A 145 16.00 -15.11 -19.54
N GLU A 146 15.87 -15.89 -18.45
CA GLU A 146 16.30 -17.28 -18.42
C GLU A 146 15.20 -18.28 -18.66
N LEU A 147 13.97 -17.82 -18.84
CA LEU A 147 12.89 -18.75 -19.10
C LEU A 147 13.06 -19.41 -20.44
N LYS A 148 12.67 -20.68 -20.51
CA LYS A 148 12.63 -21.37 -21.76
C LYS A 148 11.66 -20.70 -22.70
N LYS A 149 11.95 -20.73 -24.00
CA LYS A 149 11.05 -20.11 -24.98
C LYS A 149 9.81 -20.92 -25.24
N TYR A 150 9.99 -22.22 -25.48
CA TYR A 150 8.94 -23.09 -26.02
C TYR A 150 8.75 -24.36 -25.24
#